data_2KFE
#
_entry.id   2KFE
#
_entity_poly.entity_id   1
_entity_poly.type   'polypeptide(L)'
_entity_poly.pdbx_seq_one_letter_code
;GRGREFMSNLKEKLSGVKEKMKNS
;
_entity_poly.pdbx_strand_id   A
#
# COMPACT_ATOMS: atom_id res chain seq x y z
N GLY A 1 -15.97 6.17 -3.11
CA GLY A 1 -15.10 5.64 -4.15
C GLY A 1 -14.28 4.46 -3.69
N ARG A 2 -14.84 3.26 -3.81
CA ARG A 2 -14.16 2.04 -3.40
C ARG A 2 -12.82 1.90 -4.12
N GLY A 3 -12.71 2.56 -5.27
CA GLY A 3 -11.47 2.49 -6.05
C GLY A 3 -10.68 3.77 -5.97
N ARG A 4 -11.37 4.90 -5.81
CA ARG A 4 -10.72 6.20 -5.73
C ARG A 4 -9.94 6.35 -4.43
N GLU A 5 -10.54 5.84 -3.35
CA GLU A 5 -9.90 5.92 -2.03
C GLU A 5 -8.98 4.72 -1.81
N PHE A 6 -9.00 3.78 -2.75
CA PHE A 6 -8.17 2.59 -2.65
C PHE A 6 -6.86 2.78 -3.42
N MET A 7 -6.95 3.39 -4.59
CA MET A 7 -5.78 3.62 -5.42
C MET A 7 -4.73 4.44 -4.66
N SER A 8 -5.18 5.51 -4.02
CA SER A 8 -4.28 6.37 -3.26
C SER A 8 -3.74 5.66 -2.03
N ASN A 9 -4.65 5.06 -1.25
CA ASN A 9 -4.26 4.34 -0.04
C ASN A 9 -3.29 3.21 -0.37
N LEU A 10 -3.49 2.57 -1.52
CA LEU A 10 -2.63 1.48 -1.94
C LEU A 10 -1.16 1.87 -1.85
N LYS A 11 -0.77 2.88 -2.64
CA LYS A 11 0.61 3.35 -2.63
C LYS A 11 1.04 3.77 -1.23
N GLU A 12 0.10 4.31 -0.47
CA GLU A 12 0.38 4.76 0.89
C GLU A 12 0.75 3.59 1.78
N LYS A 13 0.20 2.41 1.47
CA LYS A 13 0.46 1.21 2.25
C LYS A 13 1.67 0.46 1.68
N LEU A 14 1.77 0.42 0.36
CA LEU A 14 2.88 -0.26 -0.30
C LEU A 14 4.22 0.25 0.22
N SER A 15 4.26 1.52 0.62
CA SER A 15 5.47 2.13 1.14
C SER A 15 5.88 1.49 2.46
N GLY A 16 4.91 0.89 3.15
CA GLY A 16 5.19 0.25 4.42
C GLY A 16 5.15 -1.27 4.33
N VAL A 17 4.31 -1.79 3.44
CA VAL A 17 4.19 -3.23 3.26
C VAL A 17 5.54 -3.85 2.95
N LYS A 18 6.41 -3.08 2.28
CA LYS A 18 7.74 -3.56 1.91
C LYS A 18 8.59 -3.79 3.15
N GLU A 19 8.18 -3.20 4.26
CA GLU A 19 8.92 -3.35 5.53
C GLU A 19 9.01 -4.81 5.93
N LYS A 20 7.89 -5.51 5.87
CA LYS A 20 7.84 -6.93 6.23
C LYS A 20 7.85 -7.81 4.99
N MET A 21 7.27 -7.30 3.90
CA MET A 21 7.22 -8.05 2.65
C MET A 21 8.63 -8.32 2.12
N LYS A 22 9.26 -7.27 1.59
CA LYS A 22 10.62 -7.40 1.05
C LYS A 22 11.55 -8.07 2.07
N ASN A 23 11.24 -7.90 3.34
CA ASN A 23 12.05 -8.49 4.41
C ASN A 23 11.86 -10.01 4.45
N SER A 24 10.62 -10.44 4.51
CA SER A 24 10.30 -11.87 4.56
C SER A 24 10.40 -12.50 3.17
N GLY A 1 -14.51 6.96 -3.93
CA GLY A 1 -14.94 5.71 -4.53
C GLY A 1 -14.17 4.52 -4.00
N ARG A 2 -14.74 3.33 -4.16
CA ARG A 2 -14.10 2.11 -3.69
C ARG A 2 -12.72 1.94 -4.33
N GLY A 3 -12.52 2.59 -5.46
CA GLY A 3 -11.24 2.50 -6.16
C GLY A 3 -10.44 3.78 -6.05
N ARG A 4 -11.13 4.91 -5.90
CA ARG A 4 -10.47 6.20 -5.80
C ARG A 4 -9.73 6.33 -4.47
N GLU A 5 -10.34 5.81 -3.40
CA GLU A 5 -9.73 5.87 -2.08
C GLU A 5 -8.81 4.68 -1.85
N PHE A 6 -8.81 3.75 -2.80
CA PHE A 6 -7.98 2.56 -2.71
C PHE A 6 -6.65 2.76 -3.43
N MET A 7 -6.71 3.39 -4.60
CA MET A 7 -5.52 3.65 -5.39
C MET A 7 -4.50 4.45 -4.60
N SER A 8 -4.97 5.51 -3.95
CA SER A 8 -4.10 6.37 -3.16
C SER A 8 -3.58 5.62 -1.92
N ASN A 9 -4.50 5.02 -1.18
CA ASN A 9 -4.15 4.28 0.03
C ASN A 9 -3.16 3.17 -0.29
N LEU A 10 -3.33 2.54 -1.46
CA LEU A 10 -2.45 1.46 -1.88
C LEU A 10 -0.99 1.86 -1.75
N LYS A 11 -0.58 2.88 -2.51
CA LYS A 11 0.80 3.35 -2.47
C LYS A 11 1.19 3.76 -1.05
N GLU A 12 0.23 4.28 -0.29
CA GLU A 12 0.48 4.71 1.08
C GLU A 12 0.83 3.51 1.96
N LYS A 13 0.28 2.35 1.61
CA LYS A 13 0.54 1.13 2.38
C LYS A 13 1.76 0.40 1.83
N LEU A 14 1.90 0.39 0.51
CA LEU A 14 3.03 -0.28 -0.13
C LEU A 14 4.35 0.21 0.44
N SER A 15 4.38 1.48 0.85
CA SER A 15 5.59 2.07 1.42
C SER A 15 5.96 1.38 2.73
N GLY A 16 4.97 0.79 3.39
CA GLY A 16 5.22 0.11 4.65
C GLY A 16 5.22 -1.40 4.50
N VAL A 17 4.37 -1.90 3.61
CA VAL A 17 4.27 -3.34 3.38
C VAL A 17 5.63 -3.93 3.04
N LYS A 18 6.49 -3.12 2.44
CA LYS A 18 7.84 -3.56 2.07
C LYS A 18 8.66 -3.89 3.31
N GLU A 19 8.30 -3.28 4.44
CA GLU A 19 9.02 -3.50 5.69
C GLU A 19 9.10 -5.00 6.00
N LYS A 20 8.00 -5.70 5.80
CA LYS A 20 7.95 -7.13 6.06
C LYS A 20 7.98 -7.92 4.75
N MET A 21 7.37 -7.38 3.72
CA MET A 21 7.32 -8.04 2.41
C MET A 21 8.73 -8.21 1.86
N LYS A 22 9.33 -7.12 1.39
CA LYS A 22 10.67 -7.15 0.84
C LYS A 22 11.65 -7.85 1.79
N ASN A 23 11.34 -7.78 3.08
CA ASN A 23 12.17 -8.40 4.10
C ASN A 23 12.07 -9.92 4.05
N SER A 24 10.83 -10.42 4.08
CA SER A 24 10.59 -11.86 4.03
C SER A 24 9.78 -12.23 2.80
N GLY A 1 -15.72 5.52 -5.30
CA GLY A 1 -14.89 5.83 -4.16
C GLY A 1 -14.08 4.65 -3.68
N ARG A 2 -14.67 3.45 -3.79
CA ARG A 2 -13.98 2.23 -3.36
C ARG A 2 -12.66 2.06 -4.09
N GLY A 3 -12.54 2.69 -5.25
CA GLY A 3 -11.32 2.60 -6.03
C GLY A 3 -10.50 3.87 -5.98
N ARG A 4 -11.18 5.01 -5.84
CA ARG A 4 -10.50 6.30 -5.78
C ARG A 4 -9.71 6.45 -4.48
N GLU A 5 -10.30 5.98 -3.38
CA GLU A 5 -9.66 6.06 -2.08
C GLU A 5 -8.75 4.85 -1.84
N PHE A 6 -8.80 3.89 -2.77
CA PHE A 6 -7.98 2.70 -2.67
C PHE A 6 -6.68 2.84 -3.45
N MET A 7 -6.77 3.44 -4.63
CA MET A 7 -5.59 3.65 -5.46
C MET A 7 -4.54 4.45 -4.73
N SER A 8 -4.96 5.54 -4.10
CA SER A 8 -4.05 6.41 -3.36
C SER A 8 -3.51 5.70 -2.11
N ASN A 9 -4.41 5.13 -1.32
CA ASN A 9 -4.03 4.42 -0.11
C ASN A 9 -3.08 3.27 -0.43
N LEU A 10 -3.30 2.62 -1.56
CA LEU A 10 -2.45 1.51 -1.99
C LEU A 10 -0.98 1.88 -1.90
N LYS A 11 -0.58 2.86 -2.71
CA LYS A 11 0.81 3.32 -2.73
C LYS A 11 1.25 3.75 -1.34
N GLU A 12 0.33 4.32 -0.57
CA GLU A 12 0.62 4.78 0.78
C GLU A 12 0.98 3.61 1.69
N LYS A 13 0.40 2.44 1.39
CA LYS A 13 0.66 1.25 2.19
C LYS A 13 1.85 0.47 1.63
N LEU A 14 1.94 0.41 0.31
CA LEU A 14 3.04 -0.29 -0.35
C LEU A 14 4.40 0.19 0.16
N SER A 15 4.46 1.46 0.53
CA SER A 15 5.69 2.06 1.04
C SER A 15 6.08 1.42 2.37
N GLY A 16 5.11 0.86 3.07
CA GLY A 16 5.38 0.22 4.34
C GLY A 16 5.34 -1.30 4.26
N VAL A 17 4.47 -1.81 3.39
CA VAL A 17 4.33 -3.25 3.23
C VAL A 17 5.67 -3.90 2.87
N LYS A 18 6.52 -3.14 2.20
CA LYS A 18 7.84 -3.62 1.81
C LYS A 18 8.71 -3.89 3.03
N GLU A 19 8.31 -3.32 4.17
CA GLU A 19 9.05 -3.50 5.41
C GLU A 19 9.09 -4.97 5.82
N LYS A 20 7.93 -5.60 5.84
CA LYS A 20 7.83 -7.01 6.21
C LYS A 20 7.84 -7.90 4.98
N MET A 21 7.30 -7.39 3.87
CA MET A 21 7.26 -8.14 2.62
C MET A 21 8.66 -8.47 2.13
N LYS A 22 9.36 -7.47 1.64
CA LYS A 22 10.72 -7.66 1.13
C LYS A 22 11.58 -8.39 2.16
N ASN A 23 11.26 -8.21 3.43
CA ASN A 23 12.00 -8.85 4.51
C ASN A 23 11.72 -10.34 4.55
N SER A 24 10.44 -10.71 4.59
CA SER A 24 10.04 -12.11 4.63
C SER A 24 8.80 -12.34 3.79
N GLY A 1 -14.55 6.91 -3.83
CA GLY A 1 -14.95 5.67 -4.49
C GLY A 1 -14.13 4.48 -4.02
N ARG A 2 -14.69 3.28 -4.19
CA ARG A 2 -14.00 2.06 -3.79
C ARG A 2 -12.64 1.95 -4.47
N GLY A 3 -12.49 2.63 -5.60
CA GLY A 3 -11.24 2.58 -6.33
C GLY A 3 -10.45 3.88 -6.21
N ARG A 4 -11.16 4.99 -6.05
CA ARG A 4 -10.53 6.29 -5.91
C ARG A 4 -9.79 6.41 -4.58
N GLU A 5 -10.41 5.89 -3.53
CA GLU A 5 -9.81 5.94 -2.20
C GLU A 5 -8.89 4.74 -1.97
N PHE A 6 -8.87 3.83 -2.92
CA PHE A 6 -8.04 2.64 -2.82
C PHE A 6 -6.70 2.85 -3.55
N MET A 7 -6.76 3.49 -4.72
CA MET A 7 -5.56 3.75 -5.50
C MET A 7 -4.55 4.56 -4.69
N SER A 8 -5.03 5.61 -4.04
CA SER A 8 -4.18 6.47 -3.23
C SER A 8 -3.66 5.73 -2.00
N ASN A 9 -4.59 5.12 -1.27
CA ASN A 9 -4.24 4.37 -0.07
C ASN A 9 -3.24 3.26 -0.38
N LEU A 10 -3.40 2.64 -1.54
CA LEU A 10 -2.52 1.56 -1.97
C LEU A 10 -1.05 1.97 -1.82
N LYS A 11 -0.64 2.98 -2.57
CA LYS A 11 0.73 3.47 -2.51
C LYS A 11 1.12 3.87 -1.10
N GLU A 12 0.14 4.39 -0.35
CA GLU A 12 0.37 4.81 1.03
C GLU A 12 0.72 3.62 1.91
N LYS A 13 0.19 2.46 1.56
CA LYS A 13 0.44 1.24 2.32
C LYS A 13 1.67 0.51 1.78
N LEU A 14 1.82 0.50 0.47
CA LEU A 14 2.96 -0.16 -0.17
C LEU A 14 4.27 0.33 0.41
N SER A 15 4.29 1.60 0.83
CA SER A 15 5.49 2.20 1.40
C SER A 15 5.85 1.53 2.72
N GLY A 16 4.85 0.92 3.37
CA GLY A 16 5.10 0.25 4.63
C GLY A 16 5.10 -1.26 4.49
N VAL A 17 4.27 -1.77 3.58
CA VAL A 17 4.18 -3.20 3.36
C VAL A 17 5.54 -3.80 3.04
N LYS A 18 6.41 -3.01 2.43
CA LYS A 18 7.75 -3.45 2.07
C LYS A 18 8.57 -3.73 3.33
N GLU A 19 8.12 -3.22 4.46
CA GLU A 19 8.82 -3.41 5.73
C GLU A 19 8.87 -4.89 6.09
N LYS A 20 7.72 -5.56 6.04
CA LYS A 20 7.64 -6.98 6.37
C LYS A 20 7.72 -7.83 5.10
N MET A 21 7.22 -7.28 4.00
CA MET A 21 7.24 -8.00 2.73
C MET A 21 8.67 -8.29 2.29
N LYS A 22 9.38 -7.25 1.84
CA LYS A 22 10.75 -7.39 1.39
C LYS A 22 11.59 -8.13 2.43
N ASN A 23 11.21 -8.00 3.69
CA ASN A 23 11.92 -8.65 4.78
C ASN A 23 11.68 -10.17 4.76
N SER A 24 10.41 -10.56 4.74
CA SER A 24 10.05 -11.96 4.72
C SER A 24 10.55 -12.64 3.44
N GLY A 1 -16.04 5.82 -3.86
CA GLY A 1 -14.67 5.82 -4.34
C GLY A 1 -13.90 4.59 -3.88
N ARG A 2 -14.52 3.42 -4.02
CA ARG A 2 -13.89 2.17 -3.62
C ARG A 2 -12.55 1.98 -4.33
N GLY A 3 -12.40 2.64 -5.47
CA GLY A 3 -11.16 2.52 -6.23
C GLY A 3 -10.34 3.80 -6.18
N ARG A 4 -11.02 4.94 -6.06
CA ARG A 4 -10.33 6.22 -6.01
C ARG A 4 -9.60 6.40 -4.69
N GLU A 5 -10.18 5.88 -3.62
CA GLU A 5 -9.58 5.98 -2.28
C GLU A 5 -8.66 4.80 -2.02
N PHE A 6 -8.66 3.83 -2.94
CA PHE A 6 -7.83 2.65 -2.80
C PHE A 6 -6.49 2.83 -3.53
N MET A 7 -6.55 3.44 -4.71
CA MET A 7 -5.35 3.68 -5.51
C MET A 7 -4.32 4.48 -4.72
N SER A 8 -4.78 5.55 -4.08
CA SER A 8 -3.90 6.41 -3.29
C SER A 8 -3.39 5.67 -2.05
N ASN A 9 -4.32 5.09 -1.29
CA ASN A 9 -3.97 4.36 -0.09
C ASN A 9 -2.99 3.23 -0.40
N LEU A 10 -3.17 2.59 -1.55
CA LEU A 10 -2.31 1.50 -1.97
C LEU A 10 -0.84 1.89 -1.85
N LYS A 11 -0.42 2.89 -2.62
CA LYS A 11 0.96 3.36 -2.58
C LYS A 11 1.36 3.77 -1.17
N GLU A 12 0.40 4.31 -0.43
CA GLU A 12 0.66 4.75 0.94
C GLU A 12 1.00 3.56 1.84
N LYS A 13 0.45 2.40 1.51
CA LYS A 13 0.70 1.19 2.28
C LYS A 13 1.91 0.44 1.74
N LEU A 14 2.04 0.41 0.41
CA LEU A 14 3.15 -0.28 -0.22
C LEU A 14 4.49 0.22 0.33
N SER A 15 4.52 1.49 0.73
CA SER A 15 5.74 2.07 1.29
C SER A 15 6.11 1.43 2.61
N GLY A 16 5.11 0.83 3.27
CA GLY A 16 5.36 0.18 4.55
C GLY A 16 5.33 -1.33 4.44
N VAL A 17 4.50 -1.85 3.54
CA VAL A 17 4.39 -3.28 3.34
C VAL A 17 5.74 -3.91 3.03
N LYS A 18 6.62 -3.14 2.39
CA LYS A 18 7.95 -3.61 2.04
C LYS A 18 8.78 -3.86 3.28
N GLU A 19 8.33 -3.30 4.41
CA GLU A 19 9.05 -3.47 5.67
C GLU A 19 9.11 -4.94 6.08
N LYS A 20 7.96 -5.61 6.03
CA LYS A 20 7.88 -7.02 6.38
C LYS A 20 7.94 -7.91 5.14
N MET A 21 7.41 -7.38 4.03
CA MET A 21 7.40 -8.12 2.78
C MET A 21 8.81 -8.43 2.31
N LYS A 22 9.50 -7.40 1.82
CA LYS A 22 10.87 -7.56 1.34
C LYS A 22 11.74 -8.26 2.38
N ASN A 23 11.38 -8.09 3.65
CA ASN A 23 12.12 -8.71 4.74
C ASN A 23 11.90 -10.23 4.76
N SER A 24 10.63 -10.62 4.78
CA SER A 24 10.28 -12.04 4.81
C SER A 24 10.97 -12.74 5.96
N GLY A 1 -14.73 6.90 -3.26
CA GLY A 1 -14.92 5.79 -4.18
C GLY A 1 -14.14 4.56 -3.77
N ARG A 2 -14.75 3.39 -3.97
CA ARG A 2 -14.11 2.12 -3.61
C ARG A 2 -12.77 1.97 -4.33
N GLY A 3 -12.62 2.68 -5.44
CA GLY A 3 -11.38 2.62 -6.20
C GLY A 3 -10.57 3.90 -6.11
N ARG A 4 -11.26 5.02 -5.93
CA ARG A 4 -10.59 6.31 -5.82
C ARG A 4 -9.85 6.43 -4.50
N GLU A 5 -10.44 5.88 -3.44
CA GLU A 5 -9.83 5.93 -2.12
C GLU A 5 -8.90 4.73 -1.90
N PHE A 6 -8.89 3.82 -2.87
CA PHE A 6 -8.04 2.64 -2.78
C PHE A 6 -6.71 2.86 -3.50
N MET A 7 -6.78 3.52 -4.65
CA MET A 7 -5.59 3.80 -5.44
C MET A 7 -4.57 4.58 -4.62
N SER A 8 -5.03 5.62 -3.94
CA SER A 8 -4.17 6.46 -3.11
C SER A 8 -3.65 5.67 -1.91
N ASN A 9 -4.57 5.06 -1.18
CA ASN A 9 -4.20 4.27 0.00
C ASN A 9 -3.21 3.17 -0.36
N LEU A 10 -3.39 2.59 -1.53
CA LEU A 10 -2.51 1.52 -2.00
C LEU A 10 -1.05 1.91 -1.85
N LYS A 11 -0.64 2.95 -2.58
CA LYS A 11 0.73 3.44 -2.53
C LYS A 11 1.13 3.80 -1.11
N GLU A 12 0.17 4.29 -0.33
CA GLU A 12 0.42 4.68 1.04
C GLU A 12 0.78 3.47 1.90
N LYS A 13 0.24 2.31 1.51
CA LYS A 13 0.49 1.07 2.24
C LYS A 13 1.72 0.36 1.67
N LEU A 14 1.85 0.38 0.35
CA LEU A 14 2.98 -0.27 -0.32
C LEU A 14 4.30 0.22 0.25
N SER A 15 4.32 1.47 0.71
CA SER A 15 5.52 2.06 1.28
C SER A 15 5.90 1.36 2.58
N GLY A 16 4.93 0.73 3.21
CA GLY A 16 5.18 0.04 4.47
C GLY A 16 5.17 -1.47 4.30
N VAL A 17 4.34 -1.96 3.38
CA VAL A 17 4.24 -3.39 3.12
C VAL A 17 5.61 -3.99 2.79
N LYS A 18 6.47 -3.19 2.19
CA LYS A 18 7.81 -3.63 1.82
C LYS A 18 8.64 -3.91 3.06
N GLU A 19 8.21 -3.39 4.20
CA GLU A 19 8.92 -3.59 5.46
C GLU A 19 9.01 -5.07 5.81
N LYS A 20 7.88 -5.77 5.70
CA LYS A 20 7.83 -7.20 5.99
C LYS A 20 7.88 -8.03 4.72
N MET A 21 7.32 -7.47 3.64
CA MET A 21 7.31 -8.16 2.36
C MET A 21 8.72 -8.41 1.85
N LYS A 22 9.37 -7.35 1.39
CA LYS A 22 10.74 -7.45 0.88
C LYS A 22 11.64 -8.17 1.88
N ASN A 23 11.30 -8.06 3.16
CA ASN A 23 12.08 -8.69 4.22
C ASN A 23 11.89 -10.21 4.19
N SER A 24 10.63 -10.65 4.19
CA SER A 24 10.32 -12.07 4.17
C SER A 24 10.72 -12.70 2.83
N GLY A 1 -14.46 7.16 -3.47
CA GLY A 1 -14.95 5.93 -4.09
C GLY A 1 -14.18 4.71 -3.63
N ARG A 2 -14.80 3.55 -3.74
CA ARG A 2 -14.16 2.31 -3.33
C ARG A 2 -12.85 2.10 -4.08
N GLY A 3 -12.72 2.74 -5.24
CA GLY A 3 -11.51 2.61 -6.03
C GLY A 3 -10.69 3.88 -6.03
N ARG A 4 -11.35 5.02 -5.91
CA ARG A 4 -10.67 6.31 -5.90
C ARG A 4 -9.90 6.50 -4.59
N GLU A 5 -10.47 6.02 -3.49
CA GLU A 5 -9.84 6.14 -2.18
C GLU A 5 -8.92 4.96 -1.92
N PHE A 6 -8.94 3.98 -2.82
CA PHE A 6 -8.11 2.79 -2.67
C PHE A 6 -6.80 2.94 -3.44
N MET A 7 -6.88 3.52 -4.62
CA MET A 7 -5.70 3.74 -5.45
C MET A 7 -4.65 4.55 -4.71
N SER A 8 -5.08 5.64 -4.07
CA SER A 8 -4.18 6.51 -3.33
C SER A 8 -3.65 5.79 -2.08
N ASN A 9 -4.56 5.23 -1.30
CA ASN A 9 -4.18 4.52 -0.08
C ASN A 9 -3.22 3.39 -0.39
N LEU A 10 -3.44 2.72 -1.52
CA LEU A 10 -2.59 1.62 -1.93
C LEU A 10 -1.11 1.99 -1.85
N LYS A 11 -0.71 2.97 -2.65
CA LYS A 11 0.68 3.43 -2.66
C LYS A 11 1.11 3.87 -1.27
N GLU A 12 0.18 4.43 -0.52
CA GLU A 12 0.46 4.91 0.84
C GLU A 12 0.81 3.73 1.76
N LYS A 13 0.25 2.57 1.46
CA LYS A 13 0.50 1.37 2.25
C LYS A 13 1.70 0.60 1.71
N LEU A 14 1.80 0.53 0.39
CA LEU A 14 2.90 -0.17 -0.27
C LEU A 14 4.24 0.33 0.26
N SER A 15 4.30 1.60 0.63
CA SER A 15 5.53 2.20 1.14
C SER A 15 5.93 1.56 2.47
N GLY A 16 4.94 0.99 3.16
CA GLY A 16 5.21 0.36 4.45
C GLY A 16 5.17 -1.16 4.36
N VAL A 17 4.30 -1.67 3.50
CA VAL A 17 4.18 -3.12 3.33
C VAL A 17 5.52 -3.75 2.98
N LYS A 18 6.38 -2.98 2.31
CA LYS A 18 7.70 -3.48 1.92
C LYS A 18 8.56 -3.74 3.16
N GLU A 19 8.16 -3.17 4.29
CA GLU A 19 8.90 -3.35 5.53
C GLU A 19 8.93 -4.81 5.95
N LYS A 20 7.77 -5.44 5.95
CA LYS A 20 7.67 -6.85 6.33
C LYS A 20 7.68 -7.75 5.09
N MET A 21 7.15 -7.23 3.98
CA MET A 21 7.11 -7.98 2.74
C MET A 21 8.52 -8.32 2.26
N LYS A 22 9.23 -7.31 1.76
CA LYS A 22 10.59 -7.51 1.27
C LYS A 22 11.44 -8.23 2.30
N ASN A 23 11.11 -8.06 3.58
CA ASN A 23 11.85 -8.69 4.66
C ASN A 23 11.57 -10.19 4.69
N SER A 24 10.29 -10.55 4.72
CA SER A 24 9.89 -11.96 4.75
C SER A 24 10.43 -12.64 6.01
N GLY A 1 -14.94 6.78 -3.17
CA GLY A 1 -14.91 5.77 -4.20
C GLY A 1 -14.13 4.53 -3.78
N ARG A 2 -14.75 3.37 -3.93
CA ARG A 2 -14.11 2.11 -3.56
C ARG A 2 -12.79 1.94 -4.30
N GLY A 3 -12.65 2.61 -5.44
CA GLY A 3 -11.44 2.52 -6.22
C GLY A 3 -10.61 3.79 -6.17
N ARG A 4 -11.29 4.92 -6.02
CA ARG A 4 -10.61 6.21 -5.95
C ARG A 4 -9.85 6.37 -4.64
N GLU A 5 -10.41 5.83 -3.57
CA GLU A 5 -9.77 5.91 -2.26
C GLU A 5 -8.84 4.73 -2.02
N PHE A 6 -8.86 3.78 -2.96
CA PHE A 6 -8.02 2.59 -2.86
C PHE A 6 -6.70 2.80 -3.62
N MET A 7 -6.79 3.42 -4.78
CA MET A 7 -5.61 3.68 -5.60
C MET A 7 -4.57 4.48 -4.82
N SER A 8 -5.01 5.53 -4.15
CA SER A 8 -4.12 6.37 -3.37
C SER A 8 -3.58 5.62 -2.15
N ASN A 9 -4.49 5.03 -1.39
CA ASN A 9 -4.11 4.28 -0.20
C ASN A 9 -3.14 3.15 -0.55
N LEU A 10 -3.35 2.54 -1.70
CA LEU A 10 -2.49 1.45 -2.16
C LEU A 10 -1.01 1.85 -2.05
N LYS A 11 -0.62 2.86 -2.82
CA LYS A 11 0.75 3.33 -2.81
C LYS A 11 1.19 3.72 -1.41
N GLU A 12 0.25 4.25 -0.63
CA GLU A 12 0.52 4.67 0.74
C GLU A 12 0.90 3.46 1.61
N LYS A 13 0.34 2.31 1.28
CA LYS A 13 0.61 1.09 2.02
C LYS A 13 1.81 0.34 1.45
N LEU A 14 1.91 0.33 0.13
CA LEU A 14 3.02 -0.33 -0.55
C LEU A 14 4.37 0.16 -0.02
N SER A 15 4.39 1.42 0.40
CA SER A 15 5.62 2.01 0.94
C SER A 15 6.02 1.34 2.25
N GLY A 16 5.05 0.73 2.92
CA GLY A 16 5.32 0.06 4.18
C GLY A 16 5.30 -1.45 4.04
N VAL A 17 4.45 -1.95 3.16
CA VAL A 17 4.33 -3.39 2.94
C VAL A 17 5.68 -4.00 2.60
N LYS A 18 6.54 -3.22 1.95
CA LYS A 18 7.86 -3.69 1.57
C LYS A 18 8.73 -3.95 2.79
N GLU A 19 8.32 -3.40 3.93
CA GLU A 19 9.06 -3.58 5.18
C GLU A 19 9.13 -5.06 5.56
N LYS A 20 8.00 -5.74 5.49
CA LYS A 20 7.92 -7.15 5.83
C LYS A 20 7.95 -8.01 4.57
N MET A 21 7.38 -7.48 3.48
CA MET A 21 7.33 -8.20 2.22
C MET A 21 8.74 -8.47 1.70
N LYS A 22 9.41 -7.43 1.20
CA LYS A 22 10.76 -7.57 0.68
C LYS A 22 11.67 -8.28 1.68
N ASN A 23 11.35 -8.13 2.96
CA ASN A 23 12.13 -8.75 4.02
C ASN A 23 11.92 -10.27 4.03
N SER A 24 10.66 -10.69 4.06
CA SER A 24 10.32 -12.11 4.08
C SER A 24 9.87 -12.57 2.70
N GLY A 1 -15.80 6.33 -3.00
CA GLY A 1 -14.76 5.97 -3.96
C GLY A 1 -14.00 4.74 -3.54
N ARG A 2 -14.62 3.57 -3.68
CA ARG A 2 -13.98 2.32 -3.30
C ARG A 2 -12.67 2.12 -4.06
N GLY A 3 -12.54 2.80 -5.19
CA GLY A 3 -11.34 2.69 -5.98
C GLY A 3 -10.50 3.96 -5.95
N ARG A 4 -11.16 5.09 -5.80
CA ARG A 4 -10.48 6.38 -5.75
C ARG A 4 -9.71 6.54 -4.45
N GLU A 5 -10.29 6.03 -3.36
CA GLU A 5 -9.65 6.11 -2.05
C GLU A 5 -8.73 4.91 -1.80
N PHE A 6 -8.76 3.96 -2.74
CA PHE A 6 -7.94 2.77 -2.62
C PHE A 6 -6.63 2.94 -3.38
N MET A 7 -6.70 3.55 -4.56
CA MET A 7 -5.52 3.78 -5.37
C MET A 7 -4.46 4.58 -4.61
N SER A 8 -4.91 5.65 -3.95
CA SER A 8 -3.99 6.49 -3.18
C SER A 8 -3.47 5.75 -1.96
N ASN A 9 -4.38 5.17 -1.19
CA ASN A 9 -4.01 4.43 0.02
C ASN A 9 -3.05 3.30 -0.32
N LEU A 10 -3.27 2.67 -1.47
CA LEU A 10 -2.42 1.56 -1.91
C LEU A 10 -0.94 1.94 -1.82
N LYS A 11 -0.53 2.94 -2.59
CA LYS A 11 0.85 3.40 -2.59
C LYS A 11 1.29 3.80 -1.19
N GLU A 12 0.35 4.35 -0.41
CA GLU A 12 0.64 4.78 0.95
C GLU A 12 0.99 3.58 1.83
N LYS A 13 0.42 2.43 1.51
CA LYS A 13 0.67 1.22 2.28
C LYS A 13 1.86 0.45 1.71
N LEU A 14 1.97 0.42 0.38
CA LEU A 14 3.06 -0.27 -0.28
C LEU A 14 4.42 0.22 0.25
N SER A 15 4.47 1.48 0.65
CA SER A 15 5.70 2.07 1.18
C SER A 15 6.09 1.41 2.50
N GLY A 16 5.11 0.82 3.18
CA GLY A 16 5.37 0.15 4.44
C GLY A 16 5.33 -1.35 4.33
N VAL A 17 4.48 -1.85 3.45
CA VAL A 17 4.34 -3.29 3.25
C VAL A 17 5.68 -3.93 2.90
N LYS A 18 6.54 -3.16 2.25
CA LYS A 18 7.87 -3.64 1.86
C LYS A 18 8.73 -3.91 3.10
N GLU A 19 8.32 -3.35 4.23
CA GLU A 19 9.05 -3.53 5.47
C GLU A 19 9.10 -5.00 5.88
N LYS A 20 7.95 -5.66 5.85
CA LYS A 20 7.85 -7.07 6.21
C LYS A 20 7.87 -7.95 4.97
N MET A 21 7.33 -7.42 3.87
CA MET A 21 7.28 -8.16 2.62
C MET A 21 8.69 -8.49 2.12
N LYS A 22 9.39 -7.48 1.62
CA LYS A 22 10.74 -7.65 1.11
C LYS A 22 11.61 -8.37 2.14
N ASN A 23 11.28 -8.20 3.42
CA ASN A 23 12.04 -8.83 4.49
C ASN A 23 11.78 -10.34 4.53
N SER A 24 10.51 -10.71 4.55
CA SER A 24 10.13 -12.12 4.59
C SER A 24 9.84 -12.64 3.18
N GLY A 1 -14.52 6.86 -3.94
CA GLY A 1 -15.00 5.62 -4.50
C GLY A 1 -14.23 4.41 -4.00
N ARG A 2 -14.84 3.24 -4.09
CA ARG A 2 -14.20 2.00 -3.64
C ARG A 2 -12.87 1.80 -4.35
N GLY A 3 -12.73 2.40 -5.52
CA GLY A 3 -11.50 2.27 -6.28
C GLY A 3 -10.68 3.54 -6.31
N ARG A 4 -11.36 4.68 -6.22
CA ARG A 4 -10.70 5.98 -6.22
C ARG A 4 -9.93 6.20 -4.92
N GLU A 5 -10.50 5.73 -3.81
CA GLU A 5 -9.88 5.89 -2.51
C GLU A 5 -8.95 4.71 -2.21
N PHE A 6 -8.96 3.72 -3.09
CA PHE A 6 -8.11 2.55 -2.92
C PHE A 6 -6.79 2.71 -3.67
N MET A 7 -6.88 3.27 -4.87
CA MET A 7 -5.69 3.48 -5.70
C MET A 7 -4.65 4.33 -4.96
N SER A 8 -5.12 5.42 -4.36
CA SER A 8 -4.22 6.31 -3.61
C SER A 8 -3.70 5.64 -2.36
N ASN A 9 -4.61 5.07 -1.56
CA ASN A 9 -4.23 4.39 -0.33
C ASN A 9 -3.25 3.26 -0.61
N LEU A 10 -3.45 2.58 -1.73
CA LEU A 10 -2.58 1.47 -2.12
C LEU A 10 -1.11 1.87 -2.02
N LYS A 11 -0.72 2.84 -2.85
CA LYS A 11 0.66 3.32 -2.85
C LYS A 11 1.08 3.80 -1.47
N GLU A 12 0.14 4.36 -0.73
CA GLU A 12 0.41 4.86 0.62
C GLU A 12 0.77 3.71 1.55
N LYS A 13 0.21 2.54 1.28
CA LYS A 13 0.47 1.35 2.10
C LYS A 13 1.69 0.59 1.57
N LEU A 14 1.81 0.50 0.26
CA LEU A 14 2.93 -0.20 -0.36
C LEU A 14 4.26 0.31 0.19
N SER A 15 4.31 1.59 0.50
CA SER A 15 5.53 2.20 1.03
C SER A 15 5.92 1.56 2.36
N GLY A 16 4.93 1.03 3.07
CA GLY A 16 5.19 0.40 4.35
C GLY A 16 5.19 -1.11 4.25
N VAL A 17 4.30 -1.65 3.43
CA VAL A 17 4.20 -3.10 3.25
C VAL A 17 5.56 -3.70 2.90
N LYS A 18 6.41 -2.89 2.29
CA LYS A 18 7.74 -3.35 1.89
C LYS A 18 8.60 -3.65 3.12
N GLU A 19 8.37 -2.91 4.20
CA GLU A 19 9.12 -3.10 5.44
C GLU A 19 9.07 -4.56 5.88
N LYS A 20 7.90 -5.18 5.73
CA LYS A 20 7.73 -6.58 6.12
C LYS A 20 7.86 -7.50 4.90
N MET A 21 7.29 -7.07 3.78
CA MET A 21 7.34 -7.85 2.55
C MET A 21 8.79 -8.11 2.13
N LYS A 22 9.47 -7.05 1.70
CA LYS A 22 10.86 -7.16 1.27
C LYS A 22 11.70 -7.88 2.32
N ASN A 23 11.30 -7.74 3.58
CA ASN A 23 12.02 -8.38 4.68
C ASN A 23 11.81 -9.89 4.66
N SER A 24 10.55 -10.31 4.67
CA SER A 24 10.21 -11.73 4.65
C SER A 24 10.11 -12.24 3.22
N GLY A 1 -14.74 7.19 -4.09
CA GLY A 1 -15.22 5.91 -4.59
C GLY A 1 -14.47 4.74 -3.99
N ARG A 2 -15.06 3.55 -4.08
CA ARG A 2 -14.43 2.35 -3.54
C ARG A 2 -13.07 2.11 -4.18
N GLY A 3 -12.87 2.69 -5.36
CA GLY A 3 -11.60 2.53 -6.05
C GLY A 3 -10.78 3.81 -6.05
N ARG A 4 -11.45 4.94 -5.94
CA ARG A 4 -10.77 6.24 -5.92
C ARG A 4 -9.98 6.41 -4.62
N GLU A 5 -10.56 5.95 -3.52
CA GLU A 5 -9.91 6.07 -2.22
C GLU A 5 -9.00 4.88 -1.96
N PHE A 6 -9.02 3.90 -2.86
CA PHE A 6 -8.20 2.71 -2.73
C PHE A 6 -6.89 2.86 -3.50
N MET A 7 -6.99 3.44 -4.70
CA MET A 7 -5.82 3.65 -5.54
C MET A 7 -4.76 4.47 -4.81
N SER A 8 -5.19 5.56 -4.19
CA SER A 8 -4.29 6.44 -3.46
C SER A 8 -3.75 5.75 -2.21
N ASN A 9 -4.66 5.19 -1.41
CA ASN A 9 -4.26 4.50 -0.19
C ASN A 9 -3.30 3.36 -0.49
N LEU A 10 -3.52 2.68 -1.62
CA LEU A 10 -2.67 1.57 -2.02
C LEU A 10 -1.20 1.95 -1.95
N LYS A 11 -0.81 2.92 -2.77
CA LYS A 11 0.58 3.39 -2.80
C LYS A 11 1.02 3.86 -1.40
N GLU A 12 0.09 4.43 -0.65
CA GLU A 12 0.39 4.90 0.70
C GLU A 12 0.76 3.74 1.62
N LYS A 13 0.19 2.57 1.34
CA LYS A 13 0.44 1.39 2.15
C LYS A 13 1.64 0.62 1.61
N LEU A 14 1.74 0.54 0.28
CA LEU A 14 2.84 -0.17 -0.37
C LEU A 14 4.19 0.33 0.15
N SER A 15 4.25 1.61 0.49
CA SER A 15 5.48 2.22 1.00
C SER A 15 5.88 1.58 2.32
N GLY A 16 4.91 1.03 3.04
CA GLY A 16 5.18 0.41 4.32
C GLY A 16 5.16 -1.11 4.24
N VAL A 17 4.27 -1.64 3.41
CA VAL A 17 4.15 -3.09 3.24
C VAL A 17 5.49 -3.71 2.90
N LYS A 18 6.37 -2.93 2.29
CA LYS A 18 7.69 -3.41 1.91
C LYS A 18 8.55 -3.67 3.15
N GLU A 19 8.34 -2.88 4.19
CA GLU A 19 9.09 -3.03 5.44
C GLU A 19 9.02 -4.47 5.94
N LYS A 20 7.85 -5.07 5.82
CA LYS A 20 7.65 -6.45 6.26
C LYS A 20 7.77 -7.42 5.09
N MET A 21 7.20 -7.03 3.95
CA MET A 21 7.25 -7.87 2.76
C MET A 21 8.69 -8.17 2.35
N LYS A 22 9.39 -7.14 1.87
CA LYS A 22 10.77 -7.29 1.45
C LYS A 22 11.60 -7.98 2.53
N ASN A 23 11.21 -7.78 3.79
CA ASN A 23 11.92 -8.37 4.91
C ASN A 23 11.68 -9.88 4.96
N SER A 24 10.42 -10.27 4.98
CA SER A 24 10.06 -11.69 5.03
C SER A 24 9.80 -12.23 3.62
N GLY A 1 -15.90 6.04 -3.31
CA GLY A 1 -14.80 5.76 -4.21
C GLY A 1 -14.00 4.54 -3.79
N ARG A 2 -14.59 3.36 -3.98
CA ARG A 2 -13.93 2.11 -3.62
C ARG A 2 -12.59 1.98 -4.32
N GLY A 3 -12.44 2.68 -5.44
CA GLY A 3 -11.20 2.63 -6.20
C GLY A 3 -10.42 3.92 -6.11
N ARG A 4 -11.12 5.04 -5.96
CA ARG A 4 -10.48 6.34 -5.85
C ARG A 4 -9.75 6.49 -4.52
N GLU A 5 -10.34 5.93 -3.47
CA GLU A 5 -9.75 6.01 -2.14
C GLU A 5 -8.81 4.83 -1.90
N PHE A 6 -8.78 3.90 -2.84
CA PHE A 6 -7.92 2.72 -2.73
C PHE A 6 -6.59 2.96 -3.44
N MET A 7 -6.65 3.60 -4.60
CA MET A 7 -5.45 3.89 -5.38
C MET A 7 -4.44 4.69 -4.56
N SER A 8 -4.93 5.73 -3.90
CA SER A 8 -4.08 6.59 -3.08
C SER A 8 -3.56 5.82 -1.85
N ASN A 9 -4.48 5.20 -1.12
CA ASN A 9 -4.13 4.44 0.06
C ASN A 9 -3.12 3.34 -0.27
N LEU A 10 -3.29 2.74 -1.43
CA LEU A 10 -2.39 1.68 -1.88
C LEU A 10 -0.93 2.09 -1.72
N LYS A 11 -0.53 3.11 -2.47
CA LYS A 11 0.84 3.62 -2.41
C LYS A 11 1.22 4.00 -0.98
N GLU A 12 0.24 4.50 -0.22
CA GLU A 12 0.48 4.91 1.16
C GLU A 12 0.84 3.70 2.02
N LYS A 13 0.32 2.54 1.65
CA LYS A 13 0.57 1.31 2.40
C LYS A 13 1.81 0.59 1.86
N LEU A 14 1.96 0.61 0.53
CA LEU A 14 3.10 -0.04 -0.11
C LEU A 14 4.41 0.46 0.48
N SER A 15 4.42 1.72 0.90
CA SER A 15 5.62 2.32 1.49
C SER A 15 6.00 1.62 2.79
N GLY A 16 5.00 1.00 3.43
CA GLY A 16 5.25 0.30 4.69
C GLY A 16 5.27 -1.20 4.51
N VAL A 17 4.42 -1.71 3.61
CA VAL A 17 4.34 -3.13 3.36
C VAL A 17 5.72 -3.72 3.04
N LYS A 18 6.60 -2.88 2.51
CA LYS A 18 7.94 -3.30 2.16
C LYS A 18 8.76 -3.61 3.40
N GLU A 19 8.48 -2.89 4.49
CA GLU A 19 9.19 -3.10 5.74
C GLU A 19 9.14 -4.57 6.16
N LYS A 20 8.00 -5.20 5.96
CA LYS A 20 7.82 -6.60 6.30
C LYS A 20 8.00 -7.49 5.08
N MET A 21 7.48 -7.05 3.95
CA MET A 21 7.59 -7.81 2.70
C MET A 21 9.04 -8.05 2.35
N LYS A 22 9.73 -6.98 1.95
CA LYS A 22 11.14 -7.07 1.57
C LYS A 22 11.94 -7.80 2.65
N ASN A 23 11.50 -7.68 3.89
CA ASN A 23 12.18 -8.33 5.01
C ASN A 23 11.98 -9.85 4.95
N SER A 24 10.72 -10.28 4.90
CA SER A 24 10.40 -11.70 4.85
C SER A 24 10.98 -12.43 6.06
N GLY A 1 -15.56 6.88 -3.37
CA GLY A 1 -14.86 6.18 -4.42
C GLY A 1 -14.13 4.95 -3.91
N ARG A 2 -14.79 3.79 -4.01
CA ARG A 2 -14.19 2.54 -3.56
C ARG A 2 -12.86 2.28 -4.25
N GLY A 3 -12.67 2.90 -5.42
CA GLY A 3 -11.44 2.72 -6.16
C GLY A 3 -10.54 3.95 -6.09
N ARG A 4 -11.15 5.12 -6.02
CA ARG A 4 -10.39 6.37 -5.94
C ARG A 4 -9.62 6.45 -4.64
N GLU A 5 -10.24 6.01 -3.54
CA GLU A 5 -9.60 6.04 -2.23
C GLU A 5 -8.72 4.82 -2.03
N PHE A 6 -8.78 3.89 -2.98
CA PHE A 6 -7.98 2.67 -2.90
C PHE A 6 -6.66 2.84 -3.64
N MET A 7 -6.72 3.41 -4.84
CA MET A 7 -5.52 3.62 -5.65
C MET A 7 -4.48 4.42 -4.87
N SER A 8 -4.93 5.51 -4.25
CA SER A 8 -4.03 6.36 -3.47
C SER A 8 -3.51 5.63 -2.24
N ASN A 9 -4.43 5.06 -1.47
CA ASN A 9 -4.06 4.33 -0.25
C ASN A 9 -3.09 3.21 -0.57
N LEU A 10 -3.29 2.56 -1.72
CA LEU A 10 -2.43 1.46 -2.13
C LEU A 10 -0.96 1.86 -2.04
N LYS A 11 -0.56 2.86 -2.82
CA LYS A 11 0.82 3.33 -2.82
C LYS A 11 1.24 3.76 -1.42
N GLU A 12 0.29 4.31 -0.66
CA GLU A 12 0.57 4.76 0.70
C GLU A 12 0.93 3.58 1.60
N LYS A 13 0.39 2.41 1.29
CA LYS A 13 0.65 1.21 2.07
C LYS A 13 1.85 0.46 1.53
N LEU A 14 1.97 0.42 0.21
CA LEU A 14 3.08 -0.27 -0.45
C LEU A 14 4.41 0.23 0.09
N SER A 15 4.46 1.51 0.47
CA SER A 15 5.67 2.10 1.00
C SER A 15 6.07 1.45 2.32
N GLY A 16 5.10 0.87 3.01
CA GLY A 16 5.37 0.22 4.27
C GLY A 16 5.35 -1.29 4.15
N VAL A 17 4.48 -1.81 3.31
CA VAL A 17 4.38 -3.26 3.11
C VAL A 17 5.73 -3.86 2.78
N LYS A 18 6.60 -3.06 2.18
CA LYS A 18 7.94 -3.52 1.81
C LYS A 18 8.78 -3.80 3.05
N GLU A 19 8.55 -3.03 4.12
CA GLU A 19 9.28 -3.21 5.36
C GLU A 19 9.23 -4.66 5.82
N LYS A 20 8.05 -5.28 5.68
CA LYS A 20 7.87 -6.66 6.10
C LYS A 20 8.01 -7.60 4.90
N MET A 21 7.45 -7.19 3.77
CA MET A 21 7.52 -7.99 2.55
C MET A 21 8.96 -8.27 2.15
N LYS A 22 9.65 -7.23 1.71
CA LYS A 22 11.06 -7.36 1.29
C LYS A 22 11.87 -8.07 2.37
N ASN A 23 11.47 -7.89 3.63
CA ASN A 23 12.17 -8.52 4.74
C ASN A 23 11.95 -10.02 4.75
N SER A 24 10.68 -10.43 4.75
CA SER A 24 10.34 -11.85 4.75
C SER A 24 9.69 -12.26 3.44
N GLY A 1 -15.60 6.80 -2.86
CA GLY A 1 -14.89 6.15 -3.94
C GLY A 1 -14.20 4.87 -3.50
N ARG A 2 -14.91 3.75 -3.61
CA ARG A 2 -14.35 2.46 -3.21
C ARG A 2 -13.07 2.17 -3.96
N GLY A 3 -12.91 2.80 -5.13
CA GLY A 3 -11.71 2.59 -5.93
C GLY A 3 -10.81 3.81 -5.94
N ARG A 4 -11.41 4.99 -5.92
CA ARG A 4 -10.64 6.24 -5.93
C ARG A 4 -9.87 6.42 -4.63
N GLU A 5 -10.41 5.87 -3.54
CA GLU A 5 -9.78 5.97 -2.24
C GLU A 5 -8.82 4.80 -2.00
N PHE A 6 -8.93 3.79 -2.84
CA PHE A 6 -8.08 2.61 -2.73
C PHE A 6 -6.75 2.81 -3.45
N MET A 7 -6.82 3.44 -4.63
CA MET A 7 -5.61 3.72 -5.41
C MET A 7 -4.60 4.52 -4.61
N SER A 8 -5.08 5.57 -3.95
CA SER A 8 -4.21 6.43 -3.15
C SER A 8 -3.69 5.68 -1.92
N ASN A 9 -4.61 5.08 -1.18
CA ASN A 9 -4.26 4.33 0.02
C ASN A 9 -3.25 3.22 -0.30
N LEU A 10 -3.43 2.60 -1.47
CA LEU A 10 -2.55 1.52 -1.91
C LEU A 10 -1.09 1.93 -1.77
N LYS A 11 -0.69 2.94 -2.52
CA LYS A 11 0.69 3.44 -2.49
C LYS A 11 1.08 3.84 -1.07
N GLU A 12 0.11 4.35 -0.31
CA GLU A 12 0.37 4.77 1.06
C GLU A 12 0.73 3.58 1.94
N LYS A 13 0.19 2.41 1.60
CA LYS A 13 0.46 1.20 2.35
C LYS A 13 1.68 0.47 1.80
N LEU A 14 1.81 0.46 0.47
CA LEU A 14 2.95 -0.20 -0.17
C LEU A 14 4.27 0.30 0.41
N SER A 15 4.29 1.57 0.81
CA SER A 15 5.49 2.17 1.38
C SER A 15 5.88 1.47 2.69
N GLY A 16 4.89 0.88 3.35
CA GLY A 16 5.14 0.20 4.60
C GLY A 16 5.16 -1.31 4.45
N VAL A 17 4.30 -1.83 3.57
CA VAL A 17 4.21 -3.25 3.33
C VAL A 17 5.58 -3.84 3.00
N LYS A 18 6.46 -3.02 2.45
CA LYS A 18 7.80 -3.45 2.09
C LYS A 18 8.62 -3.76 3.34
N GLU A 19 8.36 -3.02 4.41
CA GLU A 19 9.08 -3.22 5.67
C GLU A 19 9.03 -4.68 6.10
N LYS A 20 7.87 -5.31 5.92
CA LYS A 20 7.69 -6.71 6.29
C LYS A 20 7.86 -7.62 5.07
N MET A 21 7.32 -7.19 3.94
CA MET A 21 7.41 -7.96 2.70
C MET A 21 8.87 -8.21 2.33
N LYS A 22 9.56 -7.15 1.92
CA LYS A 22 10.95 -7.25 1.53
C LYS A 22 11.77 -7.97 2.60
N ASN A 23 11.35 -7.84 3.85
CA ASN A 23 12.03 -8.49 4.97
C ASN A 23 11.82 -10.00 4.93
N SER A 24 10.57 -10.41 4.89
CA SER A 24 10.23 -11.84 4.87
C SER A 24 10.85 -12.57 6.06
N GLY A 1 -15.28 6.65 -3.28
CA GLY A 1 -14.80 5.83 -4.37
C GLY A 1 -14.04 4.61 -3.89
N ARG A 2 -14.67 3.44 -3.99
CA ARG A 2 -14.05 2.19 -3.56
C ARG A 2 -12.73 1.97 -4.29
N GLY A 3 -12.59 2.59 -5.46
CA GLY A 3 -11.38 2.44 -6.24
C GLY A 3 -10.53 3.70 -6.26
N ARG A 4 -11.20 4.85 -6.16
CA ARG A 4 -10.50 6.13 -6.15
C ARG A 4 -9.73 6.34 -4.85
N GLU A 5 -10.32 5.88 -3.75
CA GLU A 5 -9.69 6.01 -2.44
C GLU A 5 -8.79 4.82 -2.14
N PHE A 6 -8.82 3.82 -3.03
CA PHE A 6 -8.00 2.63 -2.87
C PHE A 6 -6.68 2.76 -3.61
N MET A 7 -6.74 3.33 -4.82
CA MET A 7 -5.56 3.52 -5.64
C MET A 7 -4.50 4.34 -4.90
N SER A 8 -4.94 5.43 -4.29
CA SER A 8 -4.03 6.30 -3.55
C SER A 8 -3.51 5.61 -2.29
N ASN A 9 -4.44 5.07 -1.50
CA ASN A 9 -4.08 4.38 -0.27
C ASN A 9 -3.12 3.23 -0.55
N LEU A 10 -3.34 2.54 -1.68
CA LEU A 10 -2.50 1.42 -2.07
C LEU A 10 -1.02 1.79 -1.97
N LYS A 11 -0.60 2.75 -2.79
CA LYS A 11 0.79 3.19 -2.80
C LYS A 11 1.21 3.65 -1.41
N GLU A 12 0.28 4.24 -0.67
CA GLU A 12 0.57 4.72 0.68
C GLU A 12 0.91 3.57 1.61
N LYS A 13 0.32 2.40 1.34
CA LYS A 13 0.56 1.22 2.15
C LYS A 13 1.76 0.43 1.63
N LEU A 14 1.87 0.34 0.31
CA LEU A 14 2.97 -0.39 -0.33
C LEU A 14 4.31 0.10 0.19
N SER A 15 4.38 1.38 0.55
CA SER A 15 5.61 1.98 1.07
C SER A 15 5.99 1.35 2.40
N GLY A 16 5.00 0.82 3.11
CA GLY A 16 5.25 0.20 4.39
C GLY A 16 5.22 -1.32 4.32
N VAL A 17 4.32 -1.85 3.48
CA VAL A 17 4.18 -3.29 3.32
C VAL A 17 5.52 -3.94 3.03
N LYS A 18 6.42 -3.19 2.40
CA LYS A 18 7.75 -3.69 2.05
C LYS A 18 8.56 -3.98 3.30
N GLU A 19 8.32 -3.21 4.36
CA GLU A 19 9.02 -3.40 5.62
C GLU A 19 9.04 -4.87 6.03
N LYS A 20 7.91 -5.54 5.86
CA LYS A 20 7.79 -6.94 6.21
C LYS A 20 7.83 -7.81 4.96
N MET A 21 7.19 -7.35 3.89
CA MET A 21 7.15 -8.09 2.64
C MET A 21 8.56 -8.32 2.10
N LYS A 22 9.17 -7.25 1.57
CA LYS A 22 10.51 -7.33 1.03
C LYS A 22 11.46 -8.01 2.01
N ASN A 23 11.16 -7.87 3.29
CA ASN A 23 11.99 -8.47 4.34
C ASN A 23 11.85 -9.99 4.34
N SER A 24 10.61 -10.46 4.43
CA SER A 24 10.33 -11.89 4.45
C SER A 24 10.77 -12.55 3.13
N GLY A 1 -15.73 6.49 -2.98
CA GLY A 1 -14.63 6.16 -3.85
C GLY A 1 -13.93 4.89 -3.45
N ARG A 2 -14.63 3.76 -3.55
CA ARG A 2 -14.06 2.46 -3.18
C ARG A 2 -12.79 2.19 -3.98
N GLY A 3 -12.66 2.84 -5.12
CA GLY A 3 -11.49 2.64 -5.96
C GLY A 3 -10.58 3.86 -5.96
N ARG A 4 -11.16 5.04 -5.80
CA ARG A 4 -10.39 6.28 -5.78
C ARG A 4 -9.56 6.40 -4.50
N GLU A 5 -10.13 5.94 -3.39
CA GLU A 5 -9.44 5.98 -2.11
C GLU A 5 -8.54 4.77 -1.92
N PHE A 6 -8.70 3.79 -2.80
CA PHE A 6 -7.89 2.57 -2.74
C PHE A 6 -6.60 2.72 -3.52
N MET A 7 -6.69 3.31 -4.70
CA MET A 7 -5.52 3.53 -5.55
C MET A 7 -4.46 4.34 -4.81
N SER A 8 -4.89 5.43 -4.18
CA SER A 8 -3.98 6.29 -3.44
C SER A 8 -3.44 5.59 -2.20
N ASN A 9 -4.34 5.00 -1.42
CA ASN A 9 -3.97 4.30 -0.21
C ASN A 9 -3.00 3.16 -0.52
N LEU A 10 -3.19 2.54 -1.68
CA LEU A 10 -2.34 1.43 -2.09
C LEU A 10 -0.86 1.78 -1.94
N LYS A 11 -0.41 2.76 -2.72
CA LYS A 11 0.98 3.20 -2.66
C LYS A 11 1.36 3.62 -1.24
N GLU A 12 0.41 4.19 -0.53
CA GLU A 12 0.64 4.64 0.85
C GLU A 12 0.94 3.45 1.76
N LYS A 13 0.37 2.30 1.43
CA LYS A 13 0.58 1.09 2.22
C LYS A 13 1.85 0.37 1.79
N LEU A 14 2.09 0.33 0.48
CA LEU A 14 3.27 -0.32 -0.07
C LEU A 14 4.54 0.16 0.63
N SER A 15 4.61 1.47 0.88
CA SER A 15 5.77 2.06 1.54
C SER A 15 6.04 1.37 2.88
N GLY A 16 4.98 0.82 3.48
CA GLY A 16 5.13 0.14 4.75
C GLY A 16 5.19 -1.36 4.60
N VAL A 17 4.36 -1.90 3.71
CA VAL A 17 4.32 -3.34 3.47
C VAL A 17 5.71 -3.88 3.13
N LYS A 18 6.54 -3.02 2.56
CA LYS A 18 7.90 -3.41 2.18
C LYS A 18 8.74 -3.73 3.41
N GLU A 19 8.32 -3.20 4.56
CA GLU A 19 9.03 -3.44 5.81
C GLU A 19 9.07 -4.93 6.14
N LYS A 20 7.93 -5.59 5.97
CA LYS A 20 7.84 -7.03 6.26
C LYS A 20 7.96 -7.84 4.97
N MET A 21 7.46 -7.30 3.88
CA MET A 21 7.52 -7.97 2.59
C MET A 21 8.96 -8.20 2.16
N LYS A 22 9.64 -7.13 1.78
CA LYS A 22 11.02 -7.22 1.34
C LYS A 22 11.87 -7.97 2.37
N ASN A 23 11.45 -7.90 3.63
CA ASN A 23 12.18 -8.59 4.70
C ASN A 23 11.97 -10.10 4.62
N SER A 24 10.71 -10.52 4.59
CA SER A 24 10.39 -11.94 4.51
C SER A 24 11.00 -12.57 3.27
N GLY A 1 -16.40 6.11 -4.91
CA GLY A 1 -15.05 5.92 -5.38
C GLY A 1 -14.30 4.86 -4.61
N ARG A 2 -14.84 3.64 -4.61
CA ARG A 2 -14.21 2.54 -3.91
C ARG A 2 -12.77 2.32 -4.39
N GLY A 3 -12.49 2.78 -5.59
CA GLY A 3 -11.16 2.63 -6.15
C GLY A 3 -10.34 3.90 -6.07
N ARG A 4 -11.03 5.03 -5.93
CA ARG A 4 -10.37 6.33 -5.84
C ARG A 4 -9.59 6.46 -4.54
N GLU A 5 -10.19 6.00 -3.45
CA GLU A 5 -9.56 6.07 -2.13
C GLU A 5 -8.66 4.85 -1.91
N PHE A 6 -8.70 3.91 -2.84
CA PHE A 6 -7.89 2.70 -2.74
C PHE A 6 -6.59 2.85 -3.51
N MET A 7 -6.67 3.45 -4.70
CA MET A 7 -5.49 3.66 -5.54
C MET A 7 -4.44 4.48 -4.80
N SER A 8 -4.88 5.57 -4.17
CA SER A 8 -3.97 6.44 -3.42
C SER A 8 -3.44 5.73 -2.17
N ASN A 9 -4.35 5.16 -1.39
CA ASN A 9 -3.97 4.46 -0.17
C ASN A 9 -3.01 3.32 -0.47
N LEU A 10 -3.23 2.66 -1.61
CA LEU A 10 -2.37 1.54 -2.01
C LEU A 10 -0.89 1.93 -1.92
N LYS A 11 -0.49 2.90 -2.72
CA LYS A 11 0.89 3.36 -2.73
C LYS A 11 1.33 3.81 -1.34
N GLU A 12 0.38 4.38 -0.58
CA GLU A 12 0.67 4.85 0.77
C GLU A 12 1.02 3.67 1.68
N LYS A 13 0.46 2.51 1.40
CA LYS A 13 0.70 1.32 2.19
C LYS A 13 1.90 0.54 1.66
N LEU A 14 2.02 0.48 0.33
CA LEU A 14 3.12 -0.23 -0.31
C LEU A 14 4.46 0.26 0.22
N SER A 15 4.51 1.55 0.58
CA SER A 15 5.74 2.14 1.10
C SER A 15 6.14 1.49 2.43
N GLY A 16 5.15 0.94 3.13
CA GLY A 16 5.41 0.31 4.40
C GLY A 16 5.38 -1.21 4.31
N VAL A 17 4.50 -1.73 3.46
CA VAL A 17 4.38 -3.18 3.29
C VAL A 17 5.72 -3.81 2.96
N LYS A 18 6.61 -3.02 2.36
CA LYS A 18 7.93 -3.50 2.00
C LYS A 18 8.77 -3.78 3.24
N GLU A 19 8.55 -2.99 4.29
CA GLU A 19 9.28 -3.16 5.54
C GLU A 19 9.20 -4.60 6.03
N LYS A 20 8.04 -5.21 5.90
CA LYS A 20 7.83 -6.59 6.31
C LYS A 20 7.95 -7.54 5.14
N MET A 21 7.40 -7.14 3.99
CA MET A 21 7.46 -7.97 2.80
C MET A 21 8.90 -8.26 2.40
N LYS A 22 9.61 -7.24 1.94
CA LYS A 22 10.99 -7.39 1.53
C LYS A 22 11.81 -8.09 2.62
N ASN A 23 11.41 -7.90 3.87
CA ASN A 23 12.10 -8.51 5.00
C ASN A 23 11.87 -10.02 5.03
N SER A 24 10.59 -10.41 5.03
CA SER A 24 10.23 -11.83 5.06
C SER A 24 9.57 -12.24 3.74
N GLY A 1 -15.94 6.75 -3.23
CA GLY A 1 -15.17 6.03 -4.22
C GLY A 1 -14.43 4.84 -3.64
N ARG A 2 -15.09 3.68 -3.62
CA ARG A 2 -14.50 2.47 -3.08
C ARG A 2 -13.19 2.14 -3.79
N GLY A 3 -13.03 2.66 -5.01
CA GLY A 3 -11.83 2.40 -5.78
C GLY A 3 -10.92 3.62 -5.85
N ARG A 4 -11.53 4.81 -5.85
CA ARG A 4 -10.76 6.05 -5.92
C ARG A 4 -9.93 6.24 -4.65
N GLU A 5 -10.52 5.88 -3.51
CA GLU A 5 -9.83 6.02 -2.23
C GLU A 5 -8.95 4.81 -1.96
N PHE A 6 -9.04 3.81 -2.82
CA PHE A 6 -8.25 2.59 -2.67
C PHE A 6 -6.96 2.67 -3.47
N MET A 7 -7.06 3.15 -4.71
CA MET A 7 -5.90 3.29 -5.58
C MET A 7 -4.82 4.13 -4.90
N SER A 8 -5.22 5.27 -4.35
CA SER A 8 -4.28 6.16 -3.68
C SER A 8 -3.72 5.52 -2.42
N ASN A 9 -4.61 5.03 -1.56
CA ASN A 9 -4.21 4.39 -0.32
C ASN A 9 -3.26 3.23 -0.59
N LEU A 10 -3.52 2.49 -1.66
CA LEU A 10 -2.69 1.36 -2.04
C LEU A 10 -1.22 1.74 -2.02
N LYS A 11 -0.84 2.66 -2.90
CA LYS A 11 0.55 3.12 -2.99
C LYS A 11 1.03 3.65 -1.65
N GLU A 12 0.13 4.26 -0.89
CA GLU A 12 0.47 4.81 0.42
C GLU A 12 0.85 3.70 1.39
N LYS A 13 0.27 2.52 1.20
CA LYS A 13 0.55 1.37 2.06
C LYS A 13 1.72 0.57 1.52
N LEU A 14 1.78 0.42 0.20
CA LEU A 14 2.86 -0.33 -0.44
C LEU A 14 4.22 0.18 0.00
N SER A 15 4.30 1.48 0.27
CA SER A 15 5.54 2.10 0.72
C SER A 15 6.00 1.52 2.06
N GLY A 16 5.03 1.04 2.84
CA GLY A 16 5.35 0.46 4.13
C GLY A 16 5.32 -1.05 4.13
N VAL A 17 4.39 -1.62 3.36
CA VAL A 17 4.25 -3.07 3.27
C VAL A 17 5.59 -3.71 2.91
N LYS A 18 6.43 -2.97 2.22
CA LYS A 18 7.74 -3.48 1.81
C LYS A 18 8.63 -3.70 3.03
N GLU A 19 8.47 -2.86 4.04
CA GLU A 19 9.26 -2.96 5.25
C GLU A 19 9.22 -4.38 5.81
N LYS A 20 8.09 -5.05 5.62
CA LYS A 20 7.93 -6.42 6.09
C LYS A 20 7.99 -7.41 4.93
N MET A 21 7.37 -7.06 3.82
CA MET A 21 7.36 -7.91 2.64
C MET A 21 8.77 -8.16 2.14
N LYS A 22 9.38 -7.13 1.57
CA LYS A 22 10.74 -7.24 1.05
C LYS A 22 11.69 -7.81 2.10
N ASN A 23 11.35 -7.60 3.37
CA ASN A 23 12.17 -8.11 4.47
C ASN A 23 12.04 -9.62 4.61
N SER A 24 10.79 -10.09 4.72
CA SER A 24 10.53 -11.51 4.87
C SER A 24 9.71 -12.03 3.68
N GLY A 1 -14.67 7.05 -3.47
CA GLY A 1 -14.93 5.87 -4.26
C GLY A 1 -14.17 4.66 -3.77
N ARG A 2 -14.81 3.49 -3.83
CA ARG A 2 -14.18 2.25 -3.38
C ARG A 2 -12.88 2.00 -4.13
N GLY A 3 -12.75 2.59 -5.31
CA GLY A 3 -11.56 2.42 -6.11
C GLY A 3 -10.70 3.67 -6.15
N ARG A 4 -11.35 4.83 -6.07
CA ARG A 4 -10.65 6.10 -6.11
C ARG A 4 -9.86 6.32 -4.82
N GLU A 5 -10.43 5.90 -3.70
CA GLU A 5 -9.79 6.06 -2.40
C GLU A 5 -8.89 4.87 -2.09
N PHE A 6 -8.94 3.87 -2.96
CA PHE A 6 -8.13 2.66 -2.77
C PHE A 6 -6.82 2.77 -3.55
N MET A 7 -6.90 3.31 -4.77
CA MET A 7 -5.72 3.47 -5.61
C MET A 7 -4.65 4.29 -4.91
N SER A 8 -5.07 5.41 -4.32
CA SER A 8 -4.15 6.30 -3.61
C SER A 8 -3.62 5.63 -2.35
N ASN A 9 -4.54 5.12 -1.53
CA ASN A 9 -4.17 4.46 -0.29
C ASN A 9 -3.21 3.29 -0.55
N LEU A 10 -3.45 2.58 -1.66
CA LEU A 10 -2.62 1.45 -2.03
C LEU A 10 -1.14 1.81 -1.96
N LYS A 11 -0.73 2.74 -2.81
CA LYS A 11 0.66 3.18 -2.85
C LYS A 11 1.12 3.68 -1.48
N GLU A 12 0.19 4.29 -0.74
CA GLU A 12 0.50 4.80 0.58
C GLU A 12 0.84 3.67 1.55
N LYS A 13 0.25 2.50 1.31
CA LYS A 13 0.49 1.34 2.15
C LYS A 13 1.68 0.53 1.64
N LEU A 14 1.77 0.41 0.31
CA LEU A 14 2.86 -0.34 -0.30
C LEU A 14 4.21 0.14 0.20
N SER A 15 4.29 1.44 0.50
CA SER A 15 5.54 2.03 0.98
C SER A 15 5.94 1.43 2.33
N GLY A 16 4.95 0.93 3.06
CA GLY A 16 5.21 0.33 4.36
C GLY A 16 5.16 -1.19 4.31
N VAL A 17 4.25 -1.73 3.51
CA VAL A 17 4.10 -3.18 3.38
C VAL A 17 5.44 -3.84 3.05
N LYS A 18 6.31 -3.08 2.39
CA LYS A 18 7.63 -3.59 2.01
C LYS A 18 8.49 -3.85 3.25
N GLU A 19 8.30 -3.03 4.28
CA GLU A 19 9.06 -3.17 5.52
C GLU A 19 8.98 -4.60 6.03
N LYS A 20 7.86 -5.27 5.79
CA LYS A 20 7.66 -6.64 6.23
C LYS A 20 7.74 -7.60 5.06
N MET A 21 7.16 -7.21 3.93
CA MET A 21 7.17 -8.04 2.73
C MET A 21 8.60 -8.30 2.26
N LYS A 22 9.24 -7.26 1.74
CA LYS A 22 10.61 -7.38 1.25
C LYS A 22 11.52 -7.98 2.32
N ASN A 23 11.14 -7.80 3.58
CA ASN A 23 11.92 -8.33 4.70
C ASN A 23 11.76 -9.85 4.80
N SER A 24 10.52 -10.30 4.86
CA SER A 24 10.23 -11.73 4.96
C SER A 24 8.91 -12.07 4.27
N GLY A 1 -15.63 5.76 -5.18
CA GLY A 1 -14.69 5.99 -4.10
C GLY A 1 -13.96 4.73 -3.69
N ARG A 2 -14.63 3.58 -3.83
CA ARG A 2 -14.04 2.31 -3.47
C ARG A 2 -12.73 2.08 -4.22
N GLY A 3 -12.57 2.75 -5.36
CA GLY A 3 -11.36 2.61 -6.15
C GLY A 3 -10.49 3.85 -6.09
N ARG A 4 -11.11 5.00 -5.90
CA ARG A 4 -10.37 6.26 -5.84
C ARG A 4 -9.58 6.36 -4.53
N GLU A 5 -10.19 5.87 -3.44
CA GLU A 5 -9.55 5.91 -2.14
C GLU A 5 -8.65 4.68 -1.93
N PHE A 6 -8.71 3.76 -2.89
CA PHE A 6 -7.91 2.54 -2.81
C PHE A 6 -6.60 2.69 -3.57
N MET A 7 -6.68 3.31 -4.75
CA MET A 7 -5.49 3.53 -5.57
C MET A 7 -4.43 4.30 -4.79
N SER A 8 -4.85 5.38 -4.14
CA SER A 8 -3.93 6.21 -3.37
C SER A 8 -3.42 5.45 -2.13
N ASN A 9 -4.34 4.89 -1.37
CA ASN A 9 -3.99 4.15 -0.16
C ASN A 9 -3.03 3.01 -0.50
N LEU A 10 -3.22 2.42 -1.67
CA LEU A 10 -2.37 1.31 -2.11
C LEU A 10 -0.89 1.65 -1.94
N LYS A 11 -0.43 2.64 -2.69
CA LYS A 11 0.95 3.08 -2.62
C LYS A 11 1.34 3.47 -1.20
N GLU A 12 0.37 4.03 -0.47
CA GLU A 12 0.60 4.45 0.91
C GLU A 12 0.90 3.25 1.80
N LYS A 13 0.33 2.10 1.45
CA LYS A 13 0.53 0.88 2.22
C LYS A 13 1.80 0.16 1.78
N LEU A 14 2.04 0.15 0.48
CA LEU A 14 3.22 -0.51 -0.08
C LEU A 14 4.48 -0.03 0.63
N SER A 15 4.56 1.26 0.91
CA SER A 15 5.71 1.85 1.58
C SER A 15 5.98 1.13 2.90
N GLY A 16 4.92 0.57 3.49
CA GLY A 16 5.06 -0.12 4.75
C GLY A 16 5.11 -1.63 4.58
N VAL A 17 4.29 -2.15 3.67
CA VAL A 17 4.24 -3.59 3.41
C VAL A 17 5.62 -4.12 3.06
N LYS A 18 6.47 -3.25 2.50
CA LYS A 18 7.82 -3.64 2.11
C LYS A 18 8.66 -3.97 3.33
N GLU A 19 8.26 -3.43 4.49
CA GLU A 19 8.98 -3.67 5.73
C GLU A 19 9.02 -5.16 6.06
N LYS A 20 7.89 -5.83 5.92
CA LYS A 20 7.79 -7.25 6.21
C LYS A 20 7.92 -8.07 4.93
N MET A 21 7.41 -7.53 3.83
CA MET A 21 7.47 -8.21 2.54
C MET A 21 8.92 -8.43 2.11
N LYS A 22 9.59 -7.35 1.73
CA LYS A 22 10.98 -7.42 1.30
C LYS A 22 11.83 -8.19 2.32
N ASN A 23 11.42 -8.12 3.58
CA ASN A 23 12.14 -8.81 4.66
C ASN A 23 11.94 -10.32 4.56
N SER A 24 10.68 -10.75 4.52
CA SER A 24 10.36 -12.17 4.43
C SER A 24 10.92 -12.93 5.64
#